data_5TKL
#
_entry.id   5TKL
#
_cell.length_a   109.621
_cell.length_b   109.621
_cell.length_c   54.958
_cell.angle_alpha   90.000
_cell.angle_beta   90.000
_cell.angle_gamma   90.000
#
_symmetry.space_group_name_H-M   'P 42 21 2'
#
loop_
_entity.id
_entity.type
_entity.pdbx_description
1 polymer 'Fructose-bisphosphate aldolase'
2 non-polymer 1,6-di-O-phosphono-D-fructose
3 non-polymer 1,3-DIHYDROXYACETONEPHOSPHATE
4 non-polymer GLYCERALDEHYDE-3-PHOSPHATE
5 water water
#
_entity_poly.entity_id   1
_entity_poly.type   'polypeptide(L)'
_entity_poly.pdbx_seq_one_letter_code
;MSGYGLPISQEVAKELAENARKIAAPGKGILAADESTGTIKKRFDSIGVENTEANRAFYRDLLFSTKGLGQYISGAILFE
ETLYQKSPSGVPMVDLLKAEGIIPGIKVDKGLETLPLTDDEKATMGLDGLSERCKKYYEAGARFAKWRAVLSIDPAKGKP
TNLSITEVAHGLARYAAICQANRLVPIVEPEILTDGSHDITVCAEVTERVLAAVFKALNDHHVLLEGALLKPNMVTHGSD
CPKPASHEEIAFYTVRSLKRTVPPALPGVMFLSGGQSEEDASLNLNEMNKMGPHPFQLSFSYGRALQASCLKAWKGVPEN
KAKAQQVLMERARANGEAQLGKYGGGAGGALAASSLFEKRYVY
;
_entity_poly.pdbx_strand_id   A
#
loop_
_chem_comp.id
_chem_comp.type
_chem_comp.name
_chem_comp.formula
13P non-polymer 1,3-DIHYDROXYACETONEPHOSPHATE 'C3 H7 O6 P'
G3H non-polymer GLYCERALDEHYDE-3-PHOSPHATE 'C3 H7 O6 P'
P6F non-polymer 1,6-di-O-phosphono-D-fructose 'C6 H14 O12 P2'
#
# COMPACT_ATOMS: atom_id res chain seq x y z
N MET A 1 -21.64 -16.49 21.83
CA MET A 1 -21.26 -17.65 22.69
C MET A 1 -20.10 -17.29 23.60
N SER A 2 -19.91 -18.11 24.63
CA SER A 2 -18.69 -18.07 25.42
C SER A 2 -17.52 -18.58 24.58
N GLY A 3 -16.44 -17.82 24.54
CA GLY A 3 -15.26 -18.20 23.79
C GLY A 3 -15.08 -17.47 22.49
N TYR A 4 -16.01 -16.60 22.12
CA TYR A 4 -15.92 -15.83 20.88
C TYR A 4 -15.47 -14.41 21.19
N GLY A 5 -15.14 -13.68 20.13
CA GLY A 5 -14.72 -12.30 20.30
C GLY A 5 -15.82 -11.47 20.90
N LEU A 6 -15.44 -10.59 21.83
CA LEU A 6 -16.38 -9.63 22.36
C LEU A 6 -16.86 -8.73 21.22
N PRO A 7 -18.06 -8.17 21.34
CA PRO A 7 -18.57 -7.31 20.26
C PRO A 7 -17.73 -6.04 20.15
N ILE A 8 -17.35 -5.70 18.93
CA ILE A 8 -16.67 -4.43 18.71
C ILE A 8 -17.64 -3.29 19.00
N SER A 9 -17.09 -2.19 19.54
CA SER A 9 -17.86 -0.97 19.73
C SER A 9 -18.49 -0.54 18.41
N GLN A 10 -19.82 -0.38 18.41
CA GLN A 10 -20.51 0.08 17.20
C GLN A 10 -20.00 1.45 16.75
N GLU A 11 -19.73 2.34 17.70
CA GLU A 11 -19.25 3.67 17.35
C GLU A 11 -17.87 3.60 16.70
N VAL A 12 -16.98 2.79 17.26
CA VAL A 12 -15.66 2.60 16.65
C VAL A 12 -15.80 1.93 15.29
N ALA A 13 -16.60 0.87 15.21
CA ALA A 13 -16.77 0.15 13.94
C ALA A 13 -17.30 1.06 12.84
N LYS A 14 -18.27 1.91 13.17
CA LYS A 14 -18.84 2.81 12.17
C LYS A 14 -17.79 3.78 11.64
N GLU A 15 -16.95 4.33 12.53
CA GLU A 15 -15.90 5.23 12.10
C GLU A 15 -14.91 4.52 11.19
N LEU A 16 -14.49 3.32 11.57
CA LEU A 16 -13.55 2.56 10.76
C LEU A 16 -14.12 2.26 9.39
N ALA A 17 -15.39 1.84 9.34
CA ALA A 17 -15.99 1.47 8.08
C ALA A 17 -16.21 2.69 7.19
N GLU A 18 -16.63 3.81 7.80
CA GLU A 18 -16.79 5.04 7.04
C GLU A 18 -15.47 5.52 6.48
N ASN A 19 -14.40 5.50 7.29
CA ASN A 19 -13.10 5.95 6.79
C ASN A 19 -12.52 4.97 5.78
N ALA A 20 -12.75 3.66 5.94
CA ALA A 20 -12.24 2.73 4.95
C ALA A 20 -12.89 2.97 3.59
N ARG A 21 -14.21 3.24 3.58
CA ARG A 21 -14.88 3.51 2.32
C ARG A 21 -14.46 4.84 1.72
N LYS A 22 -14.14 5.83 2.57
CA LYS A 22 -13.63 7.11 2.07
C LYS A 22 -12.29 6.93 1.40
N ILE A 23 -11.44 6.06 1.94
CA ILE A 23 -10.13 5.81 1.36
C ILE A 23 -10.28 5.05 0.05
N ALA A 24 -11.19 4.09 0.00
CA ALA A 24 -11.48 3.34 -1.21
C ALA A 24 -12.56 4.01 -2.04
N ALA A 25 -12.45 5.31 -2.22
CA ALA A 25 -13.48 6.05 -2.93
C ALA A 25 -13.33 5.88 -4.44
N PRO A 26 -14.43 5.75 -5.17
CA PRO A 26 -14.34 5.62 -6.64
C PRO A 26 -13.52 6.75 -7.26
N GLY A 27 -12.66 6.37 -8.20
CA GLY A 27 -11.85 7.34 -8.90
C GLY A 27 -10.67 7.87 -8.12
N LYS A 28 -10.38 7.31 -6.95
CA LYS A 28 -9.28 7.79 -6.11
C LYS A 28 -8.49 6.61 -5.57
N GLY A 29 -7.31 6.93 -5.06
CA GLY A 29 -6.45 5.95 -4.43
C GLY A 29 -5.47 6.63 -3.49
N ILE A 30 -4.49 5.85 -3.03
CA ILE A 30 -3.57 6.27 -1.97
C ILE A 30 -2.23 6.63 -2.57
N LEU A 31 -1.69 7.77 -2.13
CA LEU A 31 -0.30 8.13 -2.34
C LEU A 31 0.54 7.56 -1.20
N ALA A 32 1.43 6.63 -1.51
CA ALA A 32 2.30 6.03 -0.50
C ALA A 32 3.58 6.83 -0.45
N ALA A 33 3.68 7.73 0.53
CA ALA A 33 4.82 8.61 0.72
C ALA A 33 5.53 8.31 2.03
N ASP A 34 5.45 7.07 2.49
CA ASP A 34 5.93 6.68 3.82
C ASP A 34 7.32 6.06 3.80
N GLU A 35 8.15 6.41 2.82
CA GLU A 35 9.52 5.92 2.79
C GLU A 35 10.26 6.29 4.08
N SER A 36 10.79 5.29 4.76
CA SER A 36 11.65 5.54 5.90
C SER A 36 12.91 6.29 5.47
N THR A 37 13.71 6.68 6.46
CA THR A 37 14.93 7.42 6.18
C THR A 37 15.83 6.67 5.21
N GLY A 38 15.99 5.36 5.42
CA GLY A 38 16.87 4.59 4.56
C GLY A 38 16.29 4.31 3.19
N THR A 39 14.97 4.19 3.10
CA THR A 39 14.35 3.94 1.80
C THR A 39 14.30 5.22 0.97
N ILE A 40 14.03 6.36 1.60
CA ILE A 40 14.01 7.61 0.84
C ILE A 40 15.41 7.95 0.36
N LYS A 41 16.44 7.50 1.09
CA LYS A 41 17.81 7.68 0.62
C LYS A 41 18.00 7.02 -0.74
N LYS A 42 17.57 5.76 -0.87
CA LYS A 42 17.63 5.10 -2.17
C LYS A 42 16.91 5.93 -3.23
N ARG A 43 15.66 6.30 -2.96
CA ARG A 43 14.93 7.16 -3.89
C ARG A 43 15.73 8.41 -4.23
N PHE A 44 16.33 9.04 -3.23
CA PHE A 44 17.06 10.29 -3.46
C PHE A 44 18.40 10.05 -4.15
N ASP A 45 19.09 8.96 -3.84
N ASP A 45 19.08 8.95 -3.82
CA ASP A 45 20.37 8.75 -4.51
CA ASP A 45 20.34 8.64 -4.48
C ASP A 45 20.20 8.36 -5.97
C ASP A 45 20.16 8.45 -5.97
N SER A 46 19.01 7.96 -6.40
CA SER A 46 18.76 7.72 -7.81
C SER A 46 18.68 9.02 -8.61
N ILE A 47 18.58 10.17 -7.94
CA ILE A 47 18.54 11.46 -8.61
C ILE A 47 19.60 12.37 -7.99
N GLY A 48 20.47 11.81 -7.15
CA GLY A 48 21.60 12.53 -6.60
C GLY A 48 21.23 13.70 -5.69
N VAL A 49 20.44 13.43 -4.66
CA VAL A 49 20.02 14.45 -3.71
C VAL A 49 20.43 14.00 -2.31
N GLU A 50 20.98 14.93 -1.54
CA GLU A 50 21.43 14.62 -0.19
C GLU A 50 20.23 14.39 0.73
N ASN A 51 20.22 13.24 1.40
CA ASN A 51 19.06 12.85 2.22
C ASN A 51 19.13 13.57 3.57
N THR A 52 18.89 14.88 3.51
CA THR A 52 18.80 15.72 4.69
C THR A 52 17.34 15.89 5.12
N GLU A 53 17.15 16.36 6.35
CA GLU A 53 15.79 16.61 6.83
C GLU A 53 15.13 17.71 6.01
N ALA A 54 15.88 18.74 5.64
CA ALA A 54 15.31 19.84 4.86
C ALA A 54 14.89 19.37 3.48
N ASN A 55 15.66 18.50 2.84
CA ASN A 55 15.28 17.99 1.53
C ASN A 55 14.03 17.12 1.64
N ARG A 56 13.97 16.27 2.65
CA ARG A 56 12.77 15.46 2.87
C ARG A 56 11.55 16.36 3.10
N ALA A 57 11.70 17.39 3.92
CA ALA A 57 10.58 18.30 4.14
C ALA A 57 10.19 19.03 2.86
N PHE A 58 11.18 19.47 2.07
CA PHE A 58 10.88 20.15 0.82
C PHE A 58 10.10 19.23 -0.11
N TYR A 59 10.54 17.97 -0.23
CA TYR A 59 9.92 17.05 -1.17
C TYR A 59 8.52 16.65 -0.73
N ARG A 60 8.33 16.33 0.55
CA ARG A 60 6.99 15.95 1.00
C ARG A 60 6.03 17.12 0.88
N ASP A 61 6.52 18.35 1.11
CA ASP A 61 5.68 19.53 0.87
C ASP A 61 5.35 19.68 -0.60
N LEU A 62 6.33 19.45 -1.48
CA LEU A 62 6.08 19.46 -2.91
C LEU A 62 4.94 18.51 -3.27
N LEU A 63 4.96 17.30 -2.69
CA LEU A 63 3.90 16.35 -2.95
C LEU A 63 2.56 16.85 -2.42
N PHE A 64 2.50 17.14 -1.12
CA PHE A 64 1.21 17.33 -0.46
C PHE A 64 0.59 18.68 -0.73
N SER A 65 1.36 19.68 -1.14
CA SER A 65 0.83 20.98 -1.49
C SER A 65 0.44 21.08 -2.95
N THR A 66 0.43 19.97 -3.67
CA THR A 66 0.05 20.00 -5.07
C THR A 66 -1.45 20.31 -5.18
N LYS A 67 -1.78 21.43 -5.81
CA LYS A 67 -3.14 21.92 -5.84
C LYS A 67 -4.03 21.00 -6.68
N GLY A 68 -5.15 20.57 -6.08
CA GLY A 68 -6.09 19.69 -6.75
C GLY A 68 -5.77 18.22 -6.63
N LEU A 69 -4.73 17.86 -5.87
CA LEU A 69 -4.36 16.45 -5.72
C LEU A 69 -5.50 15.63 -5.13
N GLY A 70 -6.31 16.22 -4.27
CA GLY A 70 -7.40 15.51 -3.61
C GLY A 70 -8.48 15.04 -4.57
N GLN A 71 -8.48 15.50 -5.82
CA GLN A 71 -9.41 14.96 -6.81
C GLN A 71 -9.14 13.48 -7.07
N TYR A 72 -7.88 13.06 -6.95
CA TYR A 72 -7.49 11.71 -7.30
C TYR A 72 -6.92 10.93 -6.14
N ILE A 73 -6.55 11.59 -5.05
CA ILE A 73 -5.87 10.97 -3.92
C ILE A 73 -6.79 11.08 -2.71
N SER A 74 -7.17 9.94 -2.16
CA SER A 74 -8.05 9.90 -1.00
C SER A 74 -7.28 9.89 0.31
N GLY A 75 -6.05 9.39 0.29
CA GLY A 75 -5.26 9.22 1.50
C GLY A 75 -3.81 9.21 1.16
N ALA A 76 -2.98 9.57 2.14
CA ALA A 76 -1.54 9.63 1.97
C ALA A 76 -0.90 8.92 3.15
N ILE A 77 -0.10 7.90 2.88
CA ILE A 77 0.63 7.22 3.94
C ILE A 77 1.90 8.00 4.24
N LEU A 78 2.11 8.30 5.52
CA LEU A 78 3.25 9.06 5.98
C LEU A 78 4.17 8.19 6.82
N PHE A 79 5.45 8.51 6.76
CA PHE A 79 6.41 8.09 7.77
C PHE A 79 6.25 8.97 9.00
N GLU A 80 6.63 8.42 10.16
CA GLU A 80 6.41 9.12 11.42
C GLU A 80 7.00 10.52 11.40
N GLU A 81 8.22 10.67 10.88
CA GLU A 81 8.84 11.98 10.81
C GLU A 81 7.91 12.99 10.15
N THR A 82 7.32 12.61 9.03
CA THR A 82 6.51 13.51 8.25
C THR A 82 5.20 13.86 8.96
N LEU A 83 4.62 12.92 9.70
CA LEU A 83 3.38 13.18 10.41
C LEU A 83 3.53 14.34 11.38
N TYR A 84 4.72 14.51 11.95
CA TYR A 84 5.01 15.57 12.93
C TYR A 84 5.89 16.67 12.35
N GLN A 85 5.95 16.78 11.02
CA GLN A 85 6.84 17.71 10.35
C GLN A 85 6.07 18.91 9.82
N LYS A 86 6.78 20.03 9.67
CA LYS A 86 6.29 21.21 8.99
C LYS A 86 7.01 21.40 7.66
N SER A 87 6.29 21.96 6.69
CA SER A 87 6.87 22.27 5.40
C SER A 87 7.94 23.35 5.57
N PRO A 88 8.79 23.54 4.56
CA PRO A 88 9.77 24.63 4.64
C PRO A 88 9.14 25.98 4.93
N SER A 89 7.89 26.19 4.52
CA SER A 89 7.19 27.44 4.79
C SER A 89 6.53 27.46 6.16
N GLY A 90 6.63 26.39 6.93
CA GLY A 90 6.11 26.37 8.29
C GLY A 90 4.74 25.72 8.47
N VAL A 91 4.16 25.14 7.43
CA VAL A 91 2.82 24.58 7.55
C VAL A 91 2.94 23.10 7.91
N PRO A 92 2.21 22.62 8.92
CA PRO A 92 2.26 21.18 9.22
C PRO A 92 1.83 20.36 8.01
N MET A 93 2.55 19.27 7.78
CA MET A 93 2.24 18.39 6.66
C MET A 93 0.79 17.93 6.71
N VAL A 94 0.28 17.61 7.91
CA VAL A 94 -1.10 17.14 8.00
C VAL A 94 -2.07 18.22 7.59
N ASP A 95 -1.73 19.50 7.81
CA ASP A 95 -2.61 20.58 7.41
C ASP A 95 -2.66 20.72 5.89
N LEU A 96 -1.55 20.45 5.20
CA LEU A 96 -1.57 20.41 3.73
C LEU A 96 -2.53 19.34 3.24
N LEU A 97 -2.46 18.16 3.85
CA LEU A 97 -3.36 17.07 3.47
C LEU A 97 -4.82 17.45 3.73
N LYS A 98 -5.09 18.01 4.91
CA LYS A 98 -6.47 18.36 5.24
C LYS A 98 -7.03 19.39 4.26
N ALA A 99 -6.20 20.33 3.81
CA ALA A 99 -6.67 21.37 2.90
C ALA A 99 -7.15 20.79 1.57
N GLU A 100 -6.62 19.65 1.20
CA GLU A 100 -7.04 18.96 0.01
C GLU A 100 -8.04 17.85 0.33
N GLY A 101 -8.41 17.70 1.59
CA GLY A 101 -9.31 16.64 1.99
C GLY A 101 -8.72 15.26 1.88
N ILE A 102 -7.40 15.16 1.90
CA ILE A 102 -6.70 13.88 1.86
C ILE A 102 -6.55 13.38 3.29
N ILE A 103 -6.90 12.12 3.51
CA ILE A 103 -6.85 11.54 4.85
C ILE A 103 -5.40 11.15 5.17
N PRO A 104 -4.85 11.59 6.30
CA PRO A 104 -3.50 11.14 6.67
C PRO A 104 -3.49 9.71 7.19
N GLY A 105 -2.47 8.96 6.77
CA GLY A 105 -2.23 7.63 7.30
C GLY A 105 -0.78 7.53 7.73
N ILE A 106 -0.49 6.46 8.47
CA ILE A 106 0.81 6.35 9.14
C ILE A 106 1.32 4.92 9.03
N LYS A 107 2.56 4.76 8.62
CA LYS A 107 3.22 3.47 8.61
C LYS A 107 3.57 3.15 10.06
N VAL A 108 3.25 1.96 10.56
CA VAL A 108 3.45 1.64 11.96
C VAL A 108 4.35 0.44 12.20
N ASP A 109 4.77 -0.28 11.17
CA ASP A 109 5.68 -1.38 11.42
C ASP A 109 7.08 -0.85 11.65
N LYS A 110 7.89 -1.70 12.27
CA LYS A 110 9.28 -1.38 12.58
C LYS A 110 10.25 -2.15 11.68
N GLY A 111 9.82 -2.50 10.48
CA GLY A 111 10.70 -3.14 9.52
C GLY A 111 10.79 -4.64 9.71
N LEU A 112 11.79 -5.20 9.03
CA LEU A 112 11.90 -6.64 8.84
C LEU A 112 13.04 -7.24 9.65
N GLU A 113 12.89 -8.51 10.02
CA GLU A 113 13.94 -9.24 10.71
C GLU A 113 13.88 -10.69 10.28
N THR A 114 15.05 -11.29 10.06
CA THR A 114 15.08 -12.67 9.60
C THR A 114 14.44 -13.61 10.64
N LEU A 115 13.63 -14.52 10.15
CA LEU A 115 13.15 -15.63 10.99
C LEU A 115 14.29 -16.62 11.22
N PRO A 116 14.61 -16.97 12.46
CA PRO A 116 15.73 -17.90 12.70
C PRO A 116 15.56 -19.20 11.94
N LEU A 117 16.67 -19.67 11.37
CA LEU A 117 16.77 -20.95 10.68
C LEU A 117 15.88 -21.00 9.45
N THR A 118 15.59 -19.85 8.87
CA THR A 118 15.08 -19.77 7.52
C THR A 118 16.16 -19.21 6.60
N ASP A 119 15.93 -19.35 5.30
CA ASP A 119 16.86 -18.79 4.33
C ASP A 119 16.48 -17.32 4.08
N ASP A 120 16.73 -16.50 5.09
N ASP A 120 16.80 -16.52 5.10
CA ASP A 120 16.54 -15.06 4.96
CA ASP A 120 16.52 -15.09 5.16
C ASP A 120 15.07 -14.67 4.76
C ASP A 120 15.10 -14.77 4.70
N GLU A 121 14.14 -15.50 5.24
CA GLU A 121 12.70 -15.15 5.30
C GLU A 121 12.46 -14.15 6.43
N LYS A 122 11.49 -13.27 6.26
CA LYS A 122 11.40 -12.08 7.09
C LYS A 122 10.12 -12.05 7.92
N ALA A 123 10.27 -11.77 9.21
CA ALA A 123 9.19 -11.34 10.06
C ALA A 123 9.10 -9.83 10.02
N THR A 124 7.88 -9.29 10.14
CA THR A 124 7.70 -7.87 10.37
C THR A 124 7.56 -7.62 11.85
N MET A 125 8.32 -6.66 12.35
CA MET A 125 8.37 -6.30 13.75
C MET A 125 7.56 -5.02 13.97
N GLY A 126 7.19 -4.79 15.22
CA GLY A 126 6.50 -3.56 15.56
C GLY A 126 5.29 -3.65 16.48
N LEU A 127 4.93 -4.84 16.97
CA LEU A 127 3.76 -4.92 17.82
C LEU A 127 3.99 -4.29 19.19
N ASP A 128 5.23 -4.27 19.66
CA ASP A 128 5.48 -3.75 20.99
C ASP A 128 5.26 -2.25 20.99
N GLY A 129 4.41 -1.77 21.90
CA GLY A 129 4.06 -0.36 21.95
C GLY A 129 3.14 0.11 20.86
N LEU A 130 2.68 -0.80 19.98
CA LEU A 130 1.89 -0.39 18.84
C LEU A 130 0.59 0.26 19.27
N SER A 131 -0.09 -0.32 20.25
CA SER A 131 -1.37 0.23 20.68
C SER A 131 -1.19 1.67 21.15
N GLU A 132 -0.16 1.93 21.95
CA GLU A 132 0.11 3.28 22.43
C GLU A 132 0.50 4.21 21.29
N ARG A 133 1.31 3.73 20.33
CA ARG A 133 1.62 4.53 19.15
C ARG A 133 0.35 4.90 18.38
N CYS A 134 -0.57 3.94 18.19
CA CYS A 134 -1.77 4.22 17.42
C CYS A 134 -2.58 5.34 18.05
N LYS A 135 -2.66 5.35 19.39
CA LYS A 135 -3.37 6.42 20.09
C LYS A 135 -2.74 7.79 19.78
N LYS A 136 -1.41 7.88 19.90
CA LYS A 136 -0.73 9.13 19.60
C LYS A 136 -0.95 9.55 18.15
N TYR A 137 -0.84 8.59 17.22
CA TYR A 137 -0.99 8.92 15.80
C TYR A 137 -2.42 9.38 15.49
N TYR A 138 -3.43 8.76 16.11
CA TYR A 138 -4.79 9.23 15.91
C TYR A 138 -4.93 10.67 16.37
N GLU A 139 -4.33 11.01 17.49
CA GLU A 139 -4.37 12.36 18.02
C GLU A 139 -3.74 13.35 17.07
N ALA A 140 -2.68 12.92 16.43
CA ALA A 140 -1.95 13.75 15.47
C ALA A 140 -2.65 13.86 14.13
N GLY A 141 -3.74 13.14 13.91
CA GLY A 141 -4.54 13.27 12.70
C GLY A 141 -4.58 12.05 11.81
N ALA A 142 -3.81 10.99 12.07
CA ALA A 142 -3.88 9.80 11.25
C ALA A 142 -5.21 9.08 11.46
N ARG A 143 -5.77 8.54 10.37
CA ARG A 143 -6.99 7.75 10.43
C ARG A 143 -6.84 6.37 9.81
N PHE A 144 -5.69 6.04 9.26
CA PHE A 144 -5.43 4.68 8.82
C PHE A 144 -3.95 4.40 9.02
N ALA A 145 -3.61 3.13 9.01
CA ALA A 145 -2.25 2.68 9.27
C ALA A 145 -1.82 1.70 8.18
N LYS A 146 -0.51 1.41 8.17
CA LYS A 146 0.03 0.48 7.20
C LYS A 146 1.14 -0.34 7.85
N TRP A 147 1.16 -1.63 7.52
CA TRP A 147 2.15 -2.58 8.03
C TRP A 147 2.55 -3.48 6.87
N ARG A 148 3.82 -3.49 6.52
CA ARG A 148 4.32 -4.23 5.37
C ARG A 148 4.99 -5.53 5.80
N ALA A 149 4.47 -6.65 5.31
CA ALA A 149 5.13 -7.96 5.40
C ALA A 149 5.60 -8.36 4.00
N VAL A 150 6.64 -9.19 3.95
N VAL A 150 6.68 -9.14 3.94
CA VAL A 150 7.31 -9.54 2.71
CA VAL A 150 7.26 -9.53 2.66
C VAL A 150 7.48 -11.05 2.63
C VAL A 150 7.45 -11.03 2.61
N LEU A 151 7.17 -11.60 1.45
CA LEU A 151 7.37 -13.01 1.15
C LEU A 151 8.10 -13.11 -0.17
N SER A 152 8.91 -14.17 -0.31
CA SER A 152 9.67 -14.45 -1.51
C SER A 152 9.16 -15.73 -2.15
N ILE A 153 9.26 -15.80 -3.48
CA ILE A 153 8.99 -17.02 -4.23
C ILE A 153 10.32 -17.61 -4.68
N ASP A 154 10.56 -18.87 -4.32
CA ASP A 154 11.76 -19.58 -4.76
C ASP A 154 11.43 -21.06 -4.75
N PRO A 155 11.01 -21.62 -5.90
CA PRO A 155 10.57 -23.02 -5.88
C PRO A 155 11.65 -23.98 -5.41
N ALA A 156 12.90 -23.75 -5.81
CA ALA A 156 13.97 -24.65 -5.41
C ALA A 156 14.18 -24.66 -3.90
N LYS A 157 13.89 -23.55 -3.22
CA LYS A 157 14.07 -23.47 -1.78
C LYS A 157 12.77 -23.63 -1.01
N GLY A 158 11.67 -23.92 -1.71
CA GLY A 158 10.38 -24.04 -1.04
C GLY A 158 9.88 -22.75 -0.45
N LYS A 159 10.30 -21.60 -0.98
CA LYS A 159 9.82 -20.32 -0.48
C LYS A 159 8.59 -19.87 -1.28
N PRO A 160 7.58 -19.31 -0.59
CA PRO A 160 7.54 -19.03 0.85
C PRO A 160 7.22 -20.27 1.69
N THR A 161 8.01 -20.48 2.75
CA THR A 161 7.82 -21.63 3.61
C THR A 161 6.58 -21.47 4.48
N ASN A 162 6.15 -22.59 5.07
CA ASN A 162 5.01 -22.53 5.99
C ASN A 162 5.26 -21.53 7.10
N LEU A 163 6.49 -21.51 7.63
CA LEU A 163 6.77 -20.60 8.75
C LEU A 163 6.65 -19.14 8.31
N SER A 164 7.19 -18.81 7.14
CA SER A 164 7.03 -17.47 6.59
C SER A 164 5.56 -17.07 6.53
N ILE A 165 4.72 -17.89 5.91
CA ILE A 165 3.31 -17.54 5.73
C ILE A 165 2.62 -17.41 7.08
N THR A 166 2.89 -18.34 8.00
CA THR A 166 2.27 -18.29 9.33
C THR A 166 2.65 -17.02 10.06
N GLU A 167 3.92 -16.63 9.99
CA GLU A 167 4.39 -15.43 10.69
C GLU A 167 3.78 -14.18 10.09
N VAL A 168 3.80 -14.07 8.75
CA VAL A 168 3.21 -12.92 8.06
C VAL A 168 1.76 -12.73 8.48
N ALA A 169 0.99 -13.82 8.42
CA ALA A 169 -0.44 -13.76 8.74
C ALA A 169 -0.66 -13.38 10.20
N HIS A 170 0.14 -13.93 11.10
CA HIS A 170 -0.03 -13.64 12.51
C HIS A 170 0.27 -12.18 12.79
N GLY A 171 1.39 -11.67 12.28
CA GLY A 171 1.73 -10.29 12.52
C GLY A 171 0.70 -9.33 11.95
N LEU A 172 0.22 -9.62 10.74
CA LEU A 172 -0.77 -8.73 10.12
C LEU A 172 -2.07 -8.73 10.90
N ALA A 173 -2.49 -9.89 11.40
CA ALA A 173 -3.75 -9.97 12.12
C ALA A 173 -3.66 -9.27 13.48
N ARG A 174 -2.56 -9.48 14.22
CA ARG A 174 -2.36 -8.76 15.47
C ARG A 174 -2.36 -7.25 15.23
N TYR A 175 -1.60 -6.81 14.26
CA TYR A 175 -1.52 -5.39 13.93
C TYR A 175 -2.88 -4.82 13.56
N ALA A 176 -3.62 -5.54 12.77
CA ALA A 176 -4.91 -5.02 12.31
C ALA A 176 -5.88 -4.87 13.46
N ALA A 177 -5.93 -5.86 14.36
CA ALA A 177 -6.84 -5.76 15.50
C ALA A 177 -6.46 -4.63 16.45
N ILE A 178 -5.15 -4.44 16.66
CA ILE A 178 -4.68 -3.35 17.51
C ILE A 178 -5.04 -2.00 16.90
N CYS A 179 -4.85 -1.85 15.59
CA CYS A 179 -5.24 -0.61 14.93
C CYS A 179 -6.71 -0.31 15.15
N GLN A 180 -7.56 -1.31 14.94
CA GLN A 180 -8.99 -1.08 15.01
C GLN A 180 -9.41 -0.76 16.43
N ALA A 181 -8.73 -1.33 17.42
CA ALA A 181 -9.02 -0.99 18.80
C ALA A 181 -8.71 0.47 19.09
N ASN A 182 -7.90 1.11 18.25
CA ASN A 182 -7.47 2.49 18.44
C ASN A 182 -8.01 3.41 17.35
N ARG A 183 -9.03 2.97 16.62
CA ARG A 183 -9.78 3.76 15.67
C ARG A 183 -9.00 4.09 14.40
N LEU A 184 -8.00 3.27 14.06
CA LEU A 184 -7.28 3.38 12.79
C LEU A 184 -7.66 2.23 11.88
N VAL A 185 -8.00 2.56 10.63
CA VAL A 185 -8.23 1.55 9.59
C VAL A 185 -6.89 0.91 9.24
N PRO A 186 -6.75 -0.43 9.37
CA PRO A 186 -5.47 -1.06 8.99
C PRO A 186 -5.41 -1.41 7.51
N ILE A 187 -4.36 -0.95 6.84
CA ILE A 187 -3.99 -1.50 5.54
C ILE A 187 -3.12 -2.73 5.79
N VAL A 188 -3.59 -3.87 5.28
CA VAL A 188 -2.95 -5.17 5.43
C VAL A 188 -2.13 -5.39 4.18
N GLU A 189 -0.79 -5.36 4.30
CA GLU A 189 0.09 -5.45 3.13
C GLU A 189 0.95 -6.72 3.20
N PRO A 190 0.52 -7.82 2.59
CA PRO A 190 1.35 -9.01 2.47
C PRO A 190 1.98 -8.96 1.09
N GLU A 191 3.15 -8.37 0.94
CA GLU A 191 3.74 -8.22 -0.37
C GLU A 191 4.53 -9.47 -0.74
N ILE A 192 4.14 -10.12 -1.83
CA ILE A 192 4.93 -11.17 -2.42
C ILE A 192 5.85 -10.52 -3.44
N LEU A 193 7.16 -10.62 -3.19
CA LEU A 193 8.12 -9.95 -4.04
C LEU A 193 8.16 -10.59 -5.42
N THR A 194 8.54 -9.78 -6.42
CA THR A 194 8.67 -10.29 -7.78
C THR A 194 10.00 -10.99 -8.04
N ASP A 195 10.92 -10.98 -7.09
CA ASP A 195 12.25 -11.57 -7.29
C ASP A 195 12.14 -12.98 -7.85
N GLY A 196 12.90 -13.26 -8.89
CA GLY A 196 12.97 -14.59 -9.48
C GLY A 196 12.44 -14.62 -10.90
N SER A 197 12.52 -15.81 -11.50
CA SER A 197 12.12 -16.03 -12.89
C SER A 197 10.91 -16.95 -13.01
N HIS A 198 10.08 -16.99 -11.98
CA HIS A 198 8.86 -17.78 -12.00
C HIS A 198 7.83 -17.15 -12.94
N ASP A 199 6.90 -17.98 -13.39
CA ASP A 199 5.81 -17.58 -14.27
C ASP A 199 4.68 -16.90 -13.48
N ILE A 200 3.79 -16.23 -14.20
CA ILE A 200 2.65 -15.57 -13.56
C ILE A 200 1.75 -16.57 -12.86
N THR A 201 1.66 -17.79 -13.40
CA THR A 201 0.81 -18.80 -12.77
C THR A 201 1.37 -19.22 -11.41
N VAL A 202 2.69 -19.23 -11.26
CA VAL A 202 3.29 -19.48 -9.95
C VAL A 202 2.97 -18.34 -8.99
N CYS A 203 3.10 -17.09 -9.45
CA CYS A 203 2.70 -15.98 -8.61
C CYS A 203 1.24 -16.10 -8.19
N ALA A 204 0.37 -16.57 -9.10
CA ALA A 204 -1.05 -16.68 -8.77
C ALA A 204 -1.27 -17.72 -7.68
N GLU A 205 -0.62 -18.88 -7.80
CA GLU A 205 -0.76 -19.93 -6.80
C GLU A 205 -0.30 -19.45 -5.43
N VAL A 206 0.87 -18.84 -5.38
CA VAL A 206 1.42 -18.37 -4.10
C VAL A 206 0.55 -17.29 -3.51
N THR A 207 0.12 -16.32 -4.34
CA THR A 207 -0.74 -15.26 -3.85
C THR A 207 -2.02 -15.82 -3.23
N GLU A 208 -2.64 -16.79 -3.90
N GLU A 208 -2.63 -16.82 -3.87
CA GLU A 208 -3.84 -17.41 -3.35
CA GLU A 208 -3.86 -17.37 -3.33
C GLU A 208 -3.56 -18.02 -1.98
C GLU A 208 -3.62 -18.11 -2.01
N ARG A 209 -2.51 -18.84 -1.89
CA ARG A 209 -2.20 -19.50 -0.62
C ARG A 209 -1.97 -18.48 0.48
N VAL A 210 -1.22 -17.42 0.18
CA VAL A 210 -0.91 -16.40 1.18
C VAL A 210 -2.18 -15.67 1.61
N LEU A 211 -3.00 -15.26 0.65
CA LEU A 211 -4.20 -14.50 1.02
C LEU A 211 -5.20 -15.37 1.79
N ALA A 212 -5.31 -16.64 1.42
CA ALA A 212 -6.19 -17.53 2.20
C ALA A 212 -5.73 -17.59 3.64
N ALA A 213 -4.43 -17.66 3.87
CA ALA A 213 -3.92 -17.71 5.24
C ALA A 213 -4.12 -16.38 5.96
N VAL A 214 -3.87 -15.28 5.26
CA VAL A 214 -4.04 -13.97 5.87
C VAL A 214 -5.48 -13.77 6.32
N PHE A 215 -6.44 -14.06 5.43
CA PHE A 215 -7.83 -13.78 5.79
C PHE A 215 -8.37 -14.74 6.84
N LYS A 216 -7.89 -15.99 6.87
CA LYS A 216 -8.24 -16.85 8.00
C LYS A 216 -7.73 -16.26 9.31
N ALA A 217 -6.49 -15.76 9.31
CA ALA A 217 -5.93 -15.17 10.53
C ALA A 217 -6.67 -13.90 10.93
N LEU A 218 -7.04 -13.06 9.96
CA LEU A 218 -7.83 -11.87 10.29
C LEU A 218 -9.10 -12.27 11.01
N ASN A 219 -9.76 -13.33 10.53
CA ASN A 219 -10.98 -13.79 11.17
C ASN A 219 -10.69 -14.31 12.59
N ASP A 220 -9.63 -15.12 12.73
CA ASP A 220 -9.26 -15.65 14.04
C ASP A 220 -9.05 -14.53 15.07
N HIS A 221 -8.49 -13.39 14.64
CA HIS A 221 -8.16 -12.29 15.53
C HIS A 221 -9.27 -11.25 15.65
N HIS A 222 -10.45 -11.52 15.10
CA HIS A 222 -11.61 -10.66 15.27
C HIS A 222 -11.45 -9.33 14.54
N VAL A 223 -10.76 -9.34 13.41
CA VAL A 223 -10.58 -8.12 12.62
C VAL A 223 -11.86 -7.84 11.84
N LEU A 224 -12.28 -6.57 11.85
CA LEU A 224 -13.47 -6.13 11.14
C LEU A 224 -13.11 -5.84 9.69
N LEU A 225 -13.53 -6.72 8.76
CA LEU A 225 -13.18 -6.51 7.35
C LEU A 225 -13.81 -5.23 6.80
N GLU A 226 -15.01 -4.87 7.28
CA GLU A 226 -15.66 -3.65 6.85
C GLU A 226 -14.81 -2.41 7.12
N GLY A 227 -13.88 -2.49 8.06
CA GLY A 227 -13.06 -1.35 8.42
C GLY A 227 -11.59 -1.61 8.17
N ALA A 228 -11.27 -2.39 7.14
CA ALA A 228 -9.89 -2.73 6.79
C ALA A 228 -9.71 -2.59 5.28
N LEU A 229 -8.45 -2.53 4.86
CA LEU A 229 -8.10 -2.49 3.44
C LEU A 229 -6.98 -3.50 3.19
N LEU A 230 -6.93 -4.02 1.97
CA LEU A 230 -5.86 -4.92 1.54
C LEU A 230 -4.96 -4.22 0.54
N LYS A 231 -3.64 -4.38 0.73
N LYS A 231 -3.64 -4.38 0.73
CA LYS A 231 -2.62 -3.84 -0.17
CA LYS A 231 -2.63 -3.85 -0.18
C LYS A 231 -1.75 -4.99 -0.65
C LYS A 231 -1.75 -5.01 -0.64
N PRO A 232 -2.19 -5.74 -1.68
CA PRO A 232 -1.40 -6.87 -2.15
C PRO A 232 -0.59 -6.53 -3.38
N ASN A 233 0.24 -7.46 -3.76
CA ASN A 233 0.91 -7.33 -4.98
C ASN A 233 -0.06 -7.71 -6.10
N MET A 234 0.07 -7.11 -7.28
CA MET A 234 -0.56 -7.68 -8.45
C MET A 234 0.08 -9.02 -8.75
N VAL A 235 -0.63 -9.84 -9.51
CA VAL A 235 -0.11 -11.15 -9.92
C VAL A 235 0.61 -10.97 -11.25
N THR A 236 1.92 -11.19 -11.25
CA THR A 236 2.77 -10.95 -12.42
C THR A 236 3.83 -12.04 -12.51
N HIS A 237 4.48 -12.11 -13.67
CA HIS A 237 5.73 -12.83 -13.81
C HIS A 237 6.77 -12.30 -12.82
N GLY A 238 7.76 -13.14 -12.53
CA GLY A 238 8.89 -12.68 -11.76
C GLY A 238 9.72 -11.67 -12.53
N SER A 239 10.47 -10.87 -11.76
CA SER A 239 11.18 -9.72 -12.34
C SER A 239 12.38 -10.13 -13.19
N ASP A 240 12.86 -11.36 -13.06
CA ASP A 240 13.93 -11.86 -13.92
C ASP A 240 13.40 -12.42 -15.25
N CYS A 241 12.10 -12.38 -15.48
CA CYS A 241 11.55 -12.86 -16.74
C CYS A 241 11.81 -11.84 -17.85
N PRO A 242 12.29 -12.28 -19.02
CA PRO A 242 12.55 -11.31 -20.10
C PRO A 242 11.30 -10.76 -20.72
N LYS A 243 10.20 -11.49 -20.58
CA LYS A 243 8.92 -11.06 -21.09
C LYS A 243 7.90 -10.68 -20.01
N PRO A 244 7.59 -9.43 -19.85
CA PRO A 244 6.52 -9.10 -18.90
C PRO A 244 5.18 -9.56 -19.44
N ALA A 245 4.37 -10.14 -18.55
CA ALA A 245 3.04 -10.58 -18.94
C ALA A 245 2.24 -9.41 -19.50
N SER A 246 1.28 -9.71 -20.37
CA SER A 246 0.40 -8.70 -20.90
C SER A 246 -0.45 -8.08 -19.80
N HIS A 247 -0.92 -6.86 -20.04
CA HIS A 247 -1.80 -6.20 -19.08
C HIS A 247 -3.07 -7.00 -18.90
N GLU A 248 -3.55 -7.61 -19.99
CA GLU A 248 -4.74 -8.47 -19.91
C GLU A 248 -4.50 -9.67 -19.00
N GLU A 249 -3.34 -10.31 -19.14
CA GLU A 249 -3.01 -11.46 -18.28
C GLU A 249 -2.89 -11.02 -16.82
N ILE A 250 -2.13 -9.96 -16.57
CA ILE A 250 -1.95 -9.52 -15.20
C ILE A 250 -3.30 -9.21 -14.56
N ALA A 251 -4.16 -8.52 -15.29
CA ALA A 251 -5.48 -8.20 -14.73
C ALA A 251 -6.29 -9.47 -14.47
N PHE A 252 -6.24 -10.42 -15.39
CA PHE A 252 -7.05 -11.63 -15.22
C PHE A 252 -6.62 -12.38 -13.97
N TYR A 253 -5.33 -12.68 -13.86
CA TYR A 253 -4.86 -13.49 -12.75
C TYR A 253 -4.94 -12.73 -11.43
N THR A 254 -4.79 -11.41 -11.45
CA THR A 254 -4.90 -10.65 -10.22
C THR A 254 -6.34 -10.66 -9.70
N VAL A 255 -7.30 -10.34 -10.56
CA VAL A 255 -8.70 -10.37 -10.13
C VAL A 255 -9.09 -11.78 -9.68
N ARG A 256 -8.66 -12.80 -10.42
CA ARG A 256 -8.98 -14.17 -10.05
C ARG A 256 -8.45 -14.51 -8.67
N SER A 257 -7.19 -14.16 -8.39
CA SER A 257 -6.61 -14.50 -7.11
C SER A 257 -7.36 -13.84 -5.98
N LEU A 258 -7.80 -12.59 -6.19
CA LEU A 258 -8.56 -11.88 -5.16
C LEU A 258 -9.94 -12.50 -4.97
N LYS A 259 -10.66 -12.75 -6.07
CA LYS A 259 -12.01 -13.29 -5.93
C LYS A 259 -12.00 -14.69 -5.34
N ARG A 260 -10.90 -15.42 -5.45
CA ARG A 260 -10.82 -16.74 -4.86
C ARG A 260 -10.54 -16.73 -3.35
N THR A 261 -10.15 -15.58 -2.78
CA THR A 261 -9.68 -15.57 -1.38
C THR A 261 -10.23 -14.44 -0.52
N VAL A 262 -10.66 -13.31 -1.06
CA VAL A 262 -10.96 -12.11 -0.28
C VAL A 262 -12.49 -12.04 -0.08
N PRO A 263 -12.97 -12.10 1.15
CA PRO A 263 -14.42 -11.95 1.37
C PRO A 263 -14.87 -10.56 0.97
N PRO A 264 -16.07 -10.43 0.40
CA PRO A 264 -16.47 -9.14 -0.18
C PRO A 264 -16.92 -8.09 0.83
N ALA A 265 -16.95 -8.39 2.13
CA ALA A 265 -17.15 -7.34 3.13
C ALA A 265 -15.98 -6.36 3.17
N LEU A 266 -14.82 -6.77 2.68
CA LEU A 266 -13.68 -5.85 2.59
C LEU A 266 -13.99 -4.77 1.56
N PRO A 267 -13.83 -3.49 1.90
CA PRO A 267 -14.28 -2.43 0.97
C PRO A 267 -13.33 -2.14 -0.19
N GLY A 268 -12.03 -2.41 -0.02
CA GLY A 268 -11.05 -1.98 -0.99
C GLY A 268 -9.77 -2.77 -1.01
N VAL A 269 -9.27 -2.98 -2.22
CA VAL A 269 -7.98 -3.59 -2.49
C VAL A 269 -7.15 -2.51 -3.20
N MET A 270 -6.09 -2.08 -2.55
CA MET A 270 -5.30 -0.93 -3.00
C MET A 270 -3.91 -1.45 -3.35
N PHE A 271 -3.66 -1.70 -4.64
CA PHE A 271 -2.47 -2.44 -5.04
C PHE A 271 -1.19 -1.66 -4.78
N LEU A 272 -0.16 -2.37 -4.36
CA LEU A 272 1.20 -1.86 -4.43
C LEU A 272 1.73 -1.96 -5.85
N SER A 273 2.69 -1.10 -6.20
CA SER A 273 3.20 -1.13 -7.58
C SER A 273 4.44 -1.99 -7.71
N GLY A 274 5.18 -2.15 -6.62
CA GLY A 274 6.18 -3.23 -6.53
C GLY A 274 7.20 -3.26 -7.65
N GLY A 275 7.70 -2.10 -8.08
CA GLY A 275 8.76 -2.05 -9.08
C GLY A 275 8.29 -1.85 -10.50
N GLN A 276 6.99 -1.99 -10.77
CA GLN A 276 6.45 -1.69 -12.09
C GLN A 276 6.70 -0.26 -12.50
N SER A 277 6.75 -0.02 -13.81
CA SER A 277 6.81 1.32 -14.32
C SER A 277 5.52 2.08 -14.02
N GLU A 278 5.61 3.41 -14.03
CA GLU A 278 4.44 4.24 -13.84
C GLU A 278 3.33 3.86 -14.81
N GLU A 279 3.67 3.66 -16.08
CA GLU A 279 2.64 3.37 -17.09
C GLU A 279 2.07 1.97 -16.90
N ASP A 280 2.92 0.98 -16.59
CA ASP A 280 2.40 -0.37 -16.37
C ASP A 280 1.44 -0.38 -15.19
N ALA A 281 1.82 0.28 -14.10
CA ALA A 281 0.96 0.31 -12.92
C ALA A 281 -0.42 0.86 -13.25
N SER A 282 -0.49 1.91 -14.07
CA SER A 282 -1.78 2.48 -14.46
C SER A 282 -2.53 1.56 -15.43
N LEU A 283 -1.83 1.00 -16.42
CA LEU A 283 -2.51 0.19 -17.42
C LEU A 283 -3.02 -1.11 -16.81
N ASN A 284 -2.26 -1.68 -15.88
CA ASN A 284 -2.67 -2.92 -15.24
C ASN A 284 -3.91 -2.69 -14.38
N LEU A 285 -3.94 -1.59 -13.63
CA LEU A 285 -5.13 -1.31 -12.84
C LEU A 285 -6.31 -1.00 -13.75
N ASN A 286 -6.08 -0.23 -14.81
CA ASN A 286 -7.14 0.09 -15.76
C ASN A 286 -7.76 -1.18 -16.32
N GLU A 287 -6.92 -2.15 -16.70
CA GLU A 287 -7.41 -3.38 -17.30
C GLU A 287 -8.28 -4.16 -16.33
N MET A 288 -7.92 -4.17 -15.05
CA MET A 288 -8.78 -4.82 -14.05
C MET A 288 -10.14 -4.16 -13.96
N ASN A 289 -10.17 -2.84 -14.04
CA ASN A 289 -11.44 -2.14 -13.89
C ASN A 289 -12.23 -2.04 -15.18
N LYS A 290 -11.70 -2.53 -16.29
CA LYS A 290 -12.53 -2.83 -17.44
C LYS A 290 -13.32 -4.12 -17.25
N MET A 291 -12.89 -4.96 -16.30
CA MET A 291 -13.55 -6.23 -16.01
C MET A 291 -14.64 -6.10 -14.94
N GLY A 292 -14.93 -4.89 -14.49
CA GLY A 292 -15.89 -4.65 -13.45
C GLY A 292 -17.32 -4.79 -13.89
N PRO A 293 -18.30 -4.61 -13.01
CA PRO A 293 -18.12 -4.15 -11.62
C PRO A 293 -17.63 -5.25 -10.70
N HIS A 294 -16.87 -4.88 -9.67
CA HIS A 294 -16.27 -5.85 -8.76
C HIS A 294 -16.91 -5.81 -7.40
N PRO A 295 -16.74 -6.86 -6.60
CA PRO A 295 -17.34 -6.89 -5.24
C PRO A 295 -16.63 -6.01 -4.23
N PHE A 296 -15.46 -5.50 -4.57
CA PHE A 296 -14.74 -4.52 -3.77
C PHE A 296 -14.10 -3.55 -4.73
N GLN A 297 -13.73 -2.38 -4.23
CA GLN A 297 -13.00 -1.42 -5.05
C GLN A 297 -11.60 -1.96 -5.30
N LEU A 298 -11.18 -1.91 -6.57
CA LEU A 298 -9.82 -2.21 -6.97
C LEU A 298 -9.15 -0.88 -7.31
N SER A 299 -8.17 -0.51 -6.51
CA SER A 299 -7.54 0.79 -6.72
C SER A 299 -6.05 0.69 -6.43
N PHE A 300 -5.42 1.81 -6.04
CA PHE A 300 -3.97 1.87 -5.95
C PHE A 300 -3.53 2.41 -4.59
N SER A 301 -2.36 1.96 -4.15
CA SER A 301 -1.61 2.58 -3.06
C SER A 301 -0.17 2.57 -3.54
N TYR A 302 0.17 3.56 -4.36
CA TYR A 302 1.40 3.58 -5.13
C TYR A 302 2.41 4.52 -4.49
N GLY A 303 3.64 4.05 -4.38
CA GLY A 303 4.75 4.91 -4.03
C GLY A 303 5.54 5.25 -5.28
N ARG A 304 6.37 4.28 -5.70
CA ARG A 304 7.21 4.49 -6.88
C ARG A 304 6.37 4.88 -8.11
N ALA A 305 5.25 4.20 -8.33
CA ALA A 305 4.49 4.44 -9.54
C ALA A 305 3.77 5.79 -9.55
N LEU A 306 3.74 6.50 -8.41
CA LEU A 306 3.22 7.87 -8.41
C LEU A 306 4.31 8.93 -8.37
N GLN A 307 5.54 8.57 -7.99
CA GLN A 307 6.59 9.54 -7.70
C GLN A 307 7.80 9.47 -8.63
N ALA A 308 8.01 8.37 -9.35
CA ALA A 308 9.25 8.18 -10.09
C ALA A 308 9.56 9.37 -10.99
N SER A 309 8.61 9.72 -11.86
CA SER A 309 8.81 10.85 -12.77
C SER A 309 8.82 12.18 -12.03
N CYS A 310 8.02 12.29 -10.96
CA CYS A 310 8.05 13.48 -10.12
C CYS A 310 9.47 13.72 -9.60
N LEU A 311 10.08 12.69 -9.01
CA LEU A 311 11.46 12.79 -8.53
C LEU A 311 12.40 13.20 -9.65
N LYS A 312 12.31 12.52 -10.80
CA LYS A 312 13.18 12.80 -11.93
C LYS A 312 12.98 14.21 -12.47
N ALA A 313 11.78 14.76 -12.34
CA ALA A 313 11.53 16.13 -12.77
C ALA A 313 12.03 17.15 -11.76
N TRP A 314 11.99 16.80 -10.47
CA TRP A 314 12.45 17.72 -9.42
C TRP A 314 13.97 17.82 -9.41
N LYS A 315 14.66 16.67 -9.44
CA LYS A 315 16.11 16.63 -9.53
C LYS A 315 16.78 17.30 -8.33
N GLY A 316 16.06 17.46 -7.23
CA GLY A 316 16.56 18.24 -6.11
C GLY A 316 16.61 19.72 -6.35
N VAL A 317 16.24 20.18 -7.54
CA VAL A 317 16.32 21.60 -7.89
C VAL A 317 15.03 22.27 -7.43
N PRO A 318 15.10 23.28 -6.55
CA PRO A 318 13.86 23.95 -6.14
C PRO A 318 13.06 24.50 -7.30
N GLU A 319 13.74 25.05 -8.31
CA GLU A 319 13.05 25.69 -9.43
C GLU A 319 12.19 24.73 -10.22
N ASN A 320 12.48 23.43 -10.17
CA ASN A 320 11.70 22.42 -10.88
C ASN A 320 10.45 22.01 -10.11
N LYS A 321 9.99 22.81 -9.16
CA LYS A 321 8.92 22.36 -8.27
C LYS A 321 7.59 22.26 -9.00
N ALA A 322 7.21 23.32 -9.72
CA ALA A 322 5.94 23.32 -10.43
C ALA A 322 5.90 22.19 -11.46
N LYS A 323 6.96 22.07 -12.26
CA LYS A 323 7.04 20.97 -13.21
C LYS A 323 6.82 19.63 -12.50
N ALA A 324 7.45 19.46 -11.33
CA ALA A 324 7.34 18.20 -10.60
C ALA A 324 5.91 17.96 -10.10
N GLN A 325 5.24 19.01 -9.63
CA GLN A 325 3.86 18.86 -9.19
C GLN A 325 2.94 18.53 -10.35
N GLN A 326 3.24 19.09 -11.54
CA GLN A 326 2.47 18.81 -12.74
C GLN A 326 2.55 17.32 -13.10
N VAL A 327 3.75 16.73 -13.03
CA VAL A 327 3.87 15.33 -13.41
C VAL A 327 3.21 14.45 -12.37
N LEU A 328 3.29 14.82 -11.08
CA LEU A 328 2.56 14.09 -10.05
C LEU A 328 1.06 14.11 -10.35
N MET A 329 0.53 15.28 -10.72
CA MET A 329 -0.89 15.36 -11.07
C MET A 329 -1.21 14.48 -12.28
N GLU A 330 -0.32 14.46 -13.28
CA GLU A 330 -0.53 13.61 -14.44
C GLU A 330 -0.68 12.15 -14.04
N ARG A 331 0.17 11.68 -13.11
CA ARG A 331 0.09 10.27 -12.72
C ARG A 331 -1.08 10.02 -11.78
N ALA A 332 -1.39 10.98 -10.91
CA ALA A 332 -2.56 10.82 -10.04
C ALA A 332 -3.84 10.71 -10.87
N ARG A 333 -3.97 11.56 -11.89
CA ARG A 333 -5.13 11.51 -12.78
C ARG A 333 -5.18 10.18 -13.52
N ALA A 334 -4.03 9.75 -14.08
CA ALA A 334 -3.97 8.47 -14.77
C ALA A 334 -4.51 7.34 -13.90
N ASN A 335 -4.07 7.30 -12.65
CA ASN A 335 -4.45 6.19 -11.78
C ASN A 335 -5.87 6.35 -11.24
N GLY A 336 -6.34 7.58 -11.03
CA GLY A 336 -7.74 7.77 -10.72
C GLY A 336 -8.64 7.33 -11.87
N GLU A 337 -8.26 7.68 -13.10
CA GLU A 337 -9.01 7.22 -14.26
C GLU A 337 -8.92 5.70 -14.41
N ALA A 338 -7.76 5.13 -14.11
CA ALA A 338 -7.61 3.67 -14.14
C ALA A 338 -8.50 2.99 -13.13
N GLN A 339 -8.72 3.62 -11.97
CA GLN A 339 -9.65 3.04 -10.99
C GLN A 339 -11.03 2.86 -11.60
N LEU A 340 -11.44 3.75 -12.49
CA LEU A 340 -12.74 3.69 -13.15
C LEU A 340 -12.71 2.91 -14.45
N GLY A 341 -11.56 2.37 -14.84
CA GLY A 341 -11.45 1.71 -16.13
C GLY A 341 -11.52 2.66 -17.32
N LYS A 342 -11.17 3.94 -17.13
CA LYS A 342 -11.30 4.97 -18.16
C LYS A 342 -9.97 5.62 -18.52
N TYR A 343 -8.84 4.98 -18.20
CA TYR A 343 -7.55 5.53 -18.56
C TYR A 343 -7.23 5.21 -20.01
N GLY A 344 -6.86 6.22 -20.79
CA GLY A 344 -6.62 6.05 -22.20
C GLY A 344 -5.18 5.80 -22.61
N GLY A 345 -4.27 5.55 -21.67
CA GLY A 345 -2.87 5.37 -21.98
C GLY A 345 -2.14 6.69 -22.03
N GLY A 346 -0.83 6.70 -21.72
CA GLY A 346 -0.08 7.94 -21.71
C GLY A 346 1.24 7.84 -22.43
N ALA A 347 2.12 8.81 -22.22
CA ALA A 347 3.44 8.82 -22.86
C ALA A 347 4.30 7.69 -22.30
N TYR A 361 -11.46 -17.67 -19.71
CA TYR A 361 -11.15 -17.89 -18.30
C TYR A 361 -10.21 -19.09 -18.14
N VAL A 362 -9.16 -18.90 -17.33
CA VAL A 362 -8.21 -19.95 -17.00
C VAL A 362 -8.45 -20.34 -15.55
N TYR A 363 -8.70 -21.63 -15.33
CA TYR A 363 -9.04 -22.13 -14.01
C TYR A 363 -7.82 -22.70 -13.29
P1 P6F B . 5.21 0.66 -3.98
O1P P6F B . 5.51 -0.83 -4.06
O2P P6F B . 3.99 1.09 -4.75
O3P P6F B . 6.42 1.55 -4.18
O1 P6F B . 4.80 0.90 -2.44
C1 P6F B . 3.43 0.82 -2.06
C2 P6F B . 3.24 0.88 -0.56
C3 P6F B . 4.20 1.56 0.37
O3 P6F B . 3.46 1.82 1.56
C4 P6F B . 5.43 0.69 0.66
O4 P6F B . 5.03 -0.46 1.42
C5 P6F B . 6.51 1.47 1.42
O5 P6F B . 7.21 2.31 0.51
C6 P6F B . 7.50 0.55 2.14
O6 P6F B . 8.41 1.35 2.91
P2 P6F B . 9.59 0.72 3.79
O4P P6F B . 10.55 0.15 2.77
O5P P6F B . 10.15 1.88 4.57
O6P P6F B . 8.91 -0.33 4.64
H1 P6F B . 2.88 1.64 -2.53
H1A P6F B . 3.00 -0.12 -2.44
H3 P6F B . 4.53 2.50 -0.09
HO3 P6F B . 4.03 2.26 2.21
H4 P6F B . 5.86 0.37 -0.29
HO4 P6F B . 4.40 -0.98 0.91
H5 P6F B . 6.01 2.09 2.18
HO5 P6F B . 7.63 1.77 -0.18
H6 P6F B . 6.97 -0.14 2.80
H6A P6F B . 8.06 -0.04 1.41
P 13P C . 5.17 0.73 -4.00
O1P 13P C . 6.40 1.58 -4.32
O2P 13P C . 5.50 -0.76 -4.09
O3P 13P C . 4.01 1.05 -4.93
O1 13P C . 4.68 1.07 -2.49
C1 13P C . 3.45 0.50 -2.03
C2 13P C . 3.09 0.99 -0.63
C3 13P C . 4.01 1.62 0.10
O3 13P C . 3.70 2.04 1.31
H11 13P C . 2.65 0.77 -2.72
H12 13P C . 3.53 -0.59 -2.02
H31 13P C . 4.99 1.79 -0.31
HO3 13P C . 4.37 2.51 1.85
O1 G3H D . 5.35 -0.59 0.23
C1 G3H D . 5.41 -0.10 1.35
C2 G3H D . 6.45 0.98 1.65
O2 G3H D . 6.79 1.66 0.45
C3 G3H D . 7.70 0.32 2.24
O1P G3H D . 8.49 1.32 2.94
O2P G3H D . 10.79 0.23 3.03
O3P G3H D . 9.15 -0.24 4.84
O4P G3H D . 10.21 1.98 4.67
P G3H D . 9.68 0.82 3.88
H11 G3H D . 4.89 -0.45 2.06
H2 G3H D . 6.09 1.61 2.28
HO2 G3H D . 7.20 2.40 0.64
H31 G3H D . 7.44 -0.40 2.89
H32 G3H D . 8.25 -0.07 1.52
#